data_2PKE
#
_entry.id   2PKE
#
_cell.length_a   34.160
_cell.length_b   107.100
_cell.length_c   62.560
_cell.angle_alpha   90.000
_cell.angle_beta   102.290
_cell.angle_gamma   90.000
#
_symmetry.space_group_name_H-M   'P 1 21 1'
#
loop_
_entity.id
_entity.type
_entity.pdbx_description
1 polymer 'Haloacid delahogenase-like family hydrolase'
2 non-polymer 'MAGNESIUM ION'
3 non-polymer 'CHLORIDE ION'
4 non-polymer DI(HYDROXYETHYL)ETHER
5 water water
#
_entity_poly.entity_id   1
_entity_poly.type   'polypeptide(L)'
_entity_poly.pdbx_seq_one_letter_code
;G(MSE)TPIAQRDGQAIQLVGFDGDDTLWKSEDYYRTAEADFEAILSGYLDLGDSR(MSE)QQHLLAVERRNLKIFGYGA
KG(MSE)TLS(MSE)IETAIELTEARIEARDIQRIVEIGRATLQHPVEVIAGVREAVAAIAADYAVVLITKGDLFHQEQK
IEQSGLSDLFPRIEVVSEKDPQTYARVLSEFDLPAERFV(MSE)IGNSLRSDVEPVLAIGGWGIYTPYAVTWAHEQDHGV
AADEPRLREVPDPSGWPAAVRALDAQAGRQQ
;
_entity_poly.pdbx_strand_id   A,B
#
# COMPACT_ATOMS: atom_id res chain seq x y z
N GLY A 1 3.79 6.01 9.38
CA GLY A 1 3.22 5.91 10.75
C GLY A 1 2.86 7.29 11.28
N THR A 3 2.19 10.27 14.02
CA THR A 3 2.88 10.67 15.24
C THR A 3 1.98 11.59 16.08
N PRO A 4 2.16 11.57 17.41
CA PRO A 4 1.18 12.25 18.27
C PRO A 4 0.93 13.72 17.90
N ILE A 5 -0.35 14.07 17.82
CA ILE A 5 -0.83 15.42 17.61
C ILE A 5 -0.54 16.28 18.83
N ALA A 6 -0.10 17.52 18.57
CA ALA A 6 -0.02 18.57 19.59
C ALA A 6 -1.45 19.04 19.80
N GLN A 7 -1.98 18.83 21.00
CA GLN A 7 -3.38 19.20 21.23
C GLN A 7 -3.50 20.60 21.78
N ARG A 8 -4.51 21.31 21.33
CA ARG A 8 -4.72 22.70 21.73
C ARG A 8 -5.71 22.77 22.85
N ASP A 9 -5.43 23.64 23.81
CA ASP A 9 -6.38 23.91 24.86
C ASP A 9 -7.48 24.76 24.26
N GLY A 10 -8.63 24.79 24.93
CA GLY A 10 -9.72 25.64 24.49
C GLY A 10 -10.58 25.12 23.36
N GLN A 11 -10.32 23.88 22.93
CA GLN A 11 -11.16 23.17 21.94
C GLN A 11 -11.21 21.68 22.27
N ALA A 12 -12.26 20.99 21.84
CA ALA A 12 -12.44 19.57 22.17
C ALA A 12 -11.95 18.68 21.01
N ILE A 13 -12.39 18.96 19.78
CA ILE A 13 -11.93 18.20 18.64
C ILE A 13 -10.49 18.66 18.28
N GLN A 14 -9.58 17.73 18.01
CA GLN A 14 -8.20 18.08 17.71
C GLN A 14 -7.75 17.67 16.32
N LEU A 15 -8.47 16.72 15.69
CA LEU A 15 -8.02 16.12 14.46
C LEU A 15 -9.20 15.90 13.53
N VAL A 16 -9.05 16.30 12.29
CA VAL A 16 -10.09 16.08 11.31
C VAL A 16 -9.52 15.20 10.21
N GLY A 17 -10.17 14.07 9.97
CA GLY A 17 -9.76 13.15 8.97
C GLY A 17 -10.61 13.35 7.76
N PHE A 18 -10.03 13.15 6.56
CA PHE A 18 -10.74 13.27 5.33
C PHE A 18 -10.57 11.99 4.54
N ASP A 19 -11.65 11.48 3.98
CA ASP A 19 -11.55 10.51 2.88
C ASP A 19 -11.02 11.20 1.60
N GLY A 20 -10.54 10.41 0.64
CA GLY A 20 -10.12 11.03 -0.64
C GLY A 20 -11.16 10.86 -1.75
N ASP A 21 -11.24 9.64 -2.25
CA ASP A 21 -12.07 9.33 -3.43
C ASP A 21 -13.53 9.70 -3.16
N ASP A 22 -14.04 10.60 -3.97
CA ASP A 22 -15.43 11.02 -3.93
C ASP A 22 -15.78 11.91 -2.74
N THR A 23 -14.73 12.39 -2.06
CA THR A 23 -14.83 13.33 -0.94
C THR A 23 -13.98 14.60 -1.27
N LEU A 24 -12.68 14.40 -1.50
CA LEU A 24 -11.78 15.48 -1.93
C LEU A 24 -11.69 15.61 -3.47
N TRP A 25 -11.82 14.51 -4.19
CA TRP A 25 -11.68 14.56 -5.66
C TRP A 25 -12.65 13.54 -6.24
N LYS A 26 -12.89 13.64 -7.54
CA LYS A 26 -13.77 12.71 -8.26
C LYS A 26 -13.03 11.40 -8.52
N SER A 27 -13.73 10.30 -8.33
CA SER A 27 -13.16 8.95 -8.51
C SER A 27 -14.16 8.01 -9.13
N GLU A 28 -15.34 7.99 -8.55
CA GLU A 28 -16.36 7.08 -8.99
C GLU A 28 -16.71 7.28 -10.47
N ASP A 29 -16.68 8.52 -10.94
CA ASP A 29 -16.96 8.82 -12.35
C ASP A 29 -16.10 7.93 -13.23
N TYR A 30 -14.82 7.83 -12.86
CA TYR A 30 -13.87 7.06 -13.65
C TYR A 30 -14.05 5.56 -13.56
N TYR A 31 -14.47 5.09 -12.40
CA TYR A 31 -14.81 3.71 -12.24
C TYR A 31 -16.09 3.39 -13.04
N ARG A 32 -17.05 4.30 -13.08
CA ARG A 32 -18.25 4.06 -13.89
C ARG A 32 -17.91 4.00 -15.37
N THR A 33 -16.96 4.82 -15.79
CA THR A 33 -16.47 4.81 -17.18
C THR A 33 -15.81 3.48 -17.51
N ALA A 34 -15.01 3.00 -16.57
CA ALA A 34 -14.37 1.69 -16.65
C ALA A 34 -15.39 0.57 -16.87
N GLU A 35 -16.48 0.64 -16.13
CA GLU A 35 -17.55 -0.35 -16.17
C GLU A 35 -18.32 -0.31 -17.47
N ALA A 36 -18.59 0.91 -17.97
CA ALA A 36 -19.25 1.09 -19.26
C ALA A 36 -18.36 0.69 -20.42
N ASP A 37 -17.05 0.89 -20.30
CA ASP A 37 -16.12 0.42 -21.36
C ASP A 37 -16.05 -1.09 -21.34
N PHE A 38 -16.00 -1.68 -20.14
CA PHE A 38 -16.08 -3.14 -19.95
C PHE A 38 -17.31 -3.74 -20.64
N GLU A 39 -18.49 -3.21 -20.31
CA GLU A 39 -19.76 -3.62 -20.93
C GLU A 39 -19.73 -3.45 -22.44
N ALA A 40 -19.13 -2.36 -22.92
CA ALA A 40 -18.96 -2.11 -24.37
C ALA A 40 -18.08 -3.20 -24.99
N ILE A 41 -16.99 -3.59 -24.35
CA ILE A 41 -16.20 -4.75 -24.86
C ILE A 41 -17.05 -6.05 -24.92
N LEU A 42 -17.73 -6.34 -23.82
CA LEU A 42 -18.59 -7.54 -23.74
C LEU A 42 -19.72 -7.52 -24.78
N SER A 43 -20.22 -6.33 -25.10
CA SER A 43 -21.40 -6.24 -25.99
C SER A 43 -21.20 -6.98 -27.31
N GLY A 44 -19.94 -7.14 -27.74
CA GLY A 44 -19.62 -7.91 -28.95
C GLY A 44 -19.69 -9.43 -28.81
N TYR A 45 -19.98 -9.88 -27.59
CA TYR A 45 -20.10 -11.30 -27.29
C TYR A 45 -21.50 -11.67 -26.80
N LEU A 46 -22.19 -10.74 -26.16
CA LEU A 46 -23.41 -11.03 -25.41
C LEU A 46 -24.50 -10.01 -25.72
N ASP A 47 -25.76 -10.49 -25.73
CA ASP A 47 -26.98 -9.64 -25.85
C ASP A 47 -27.10 -8.67 -24.68
N GLN A 54 -22.02 -7.93 -17.54
CA GLN A 54 -23.01 -8.40 -16.58
C GLN A 54 -22.52 -8.66 -15.13
N GLN A 55 -23.48 -8.76 -14.21
CA GLN A 55 -23.21 -8.87 -12.76
C GLN A 55 -22.86 -10.30 -12.19
N HIS A 56 -22.13 -11.08 -13.00
CA HIS A 56 -21.14 -12.08 -12.53
C HIS A 56 -19.95 -11.33 -11.92
N LEU A 57 -19.88 -10.02 -12.18
CA LEU A 57 -18.78 -9.18 -11.77
C LEU A 57 -18.72 -8.97 -10.25
N LEU A 58 -19.88 -8.83 -9.61
CA LEU A 58 -19.95 -8.73 -8.14
C LEU A 58 -19.55 -10.07 -7.53
N ALA A 59 -20.01 -11.16 -8.14
CA ALA A 59 -19.60 -12.48 -7.68
C ALA A 59 -18.07 -12.51 -7.54
N VAL A 60 -17.39 -12.24 -8.65
CA VAL A 60 -15.94 -12.29 -8.75
C VAL A 60 -15.24 -11.26 -7.88
N GLU A 61 -15.69 -10.03 -7.92
CA GLU A 61 -15.07 -9.01 -7.11
C GLU A 61 -15.15 -9.35 -5.60
N ARG A 62 -16.28 -9.88 -5.17
CA ARG A 62 -16.49 -10.22 -3.75
C ARG A 62 -15.51 -11.30 -3.28
N ARG A 63 -15.32 -12.34 -4.08
CA ARG A 63 -14.32 -13.35 -3.77
C ARG A 63 -12.84 -12.90 -3.92
N ASN A 64 -12.58 -12.00 -4.84
CA ASN A 64 -11.22 -11.49 -5.06
C ASN A 64 -10.78 -10.39 -4.12
N LEU A 65 -11.73 -9.75 -3.44
CA LEU A 65 -11.42 -8.71 -2.45
C LEU A 65 -10.45 -9.28 -1.43
N LYS A 66 -10.64 -10.56 -1.12
CA LYS A 66 -9.92 -11.24 -0.08
C LYS A 66 -8.46 -11.54 -0.47
N ILE A 67 -8.10 -11.44 -1.76
CA ILE A 67 -6.69 -11.52 -2.15
C ILE A 67 -6.11 -10.22 -2.73
N PHE A 68 -6.95 -9.37 -3.31
CA PHE A 68 -6.46 -8.14 -3.94
C PHE A 68 -6.59 -6.93 -3.04
N GLY A 69 -7.54 -6.98 -2.10
CA GLY A 69 -8.07 -5.77 -1.46
C GLY A 69 -8.70 -4.81 -2.49
N TYR A 70 -8.86 -3.56 -2.12
CA TYR A 70 -9.53 -2.56 -2.96
C TYR A 70 -8.55 -1.93 -3.95
N GLY A 71 -9.09 -1.46 -5.07
CA GLY A 71 -8.34 -0.65 -6.03
C GLY A 71 -8.47 -1.12 -7.46
N ALA A 72 -7.97 -0.29 -8.38
CA ALA A 72 -8.10 -0.52 -9.84
C ALA A 72 -7.35 -1.74 -10.36
N LYS A 73 -6.24 -2.09 -9.76
CA LYS A 73 -5.48 -3.24 -10.23
C LYS A 73 -6.24 -4.57 -10.08
N GLY A 74 -6.82 -4.77 -8.91
CA GLY A 74 -7.66 -5.94 -8.65
C GLY A 74 -8.92 -5.88 -9.46
N THR A 76 -9.25 -4.72 -12.48
CA THR A 76 -8.89 -5.21 -13.83
C THR A 76 -8.80 -6.70 -13.96
N LEU A 77 -8.15 -7.33 -12.99
CA LEU A 77 -8.03 -8.79 -12.92
C LEU A 77 -9.40 -9.46 -12.69
N SER A 78 -10.25 -8.86 -11.87
CA SER A 78 -11.61 -9.39 -11.70
C SER A 78 -12.43 -9.24 -13.01
N ILE A 80 -11.16 -9.31 -16.03
CA ILE A 80 -10.65 -10.27 -17.02
C ILE A 80 -11.34 -11.62 -16.74
N GLU A 81 -11.32 -11.99 -15.47
CA GLU A 81 -11.89 -13.24 -15.00
C GLU A 81 -13.38 -13.31 -15.31
N THR A 82 -14.09 -12.22 -15.06
CA THR A 82 -15.52 -12.14 -15.35
C THR A 82 -15.85 -12.27 -16.85
N ALA A 83 -15.06 -11.59 -17.71
CA ALA A 83 -15.25 -11.66 -19.18
C ALA A 83 -15.04 -13.05 -19.75
N ILE A 84 -14.02 -13.73 -19.24
CA ILE A 84 -13.74 -15.07 -19.68
C ILE A 84 -14.92 -15.98 -19.30
N GLU A 85 -15.46 -15.79 -18.10
CA GLU A 85 -16.68 -16.53 -17.68
C GLU A 85 -17.91 -16.21 -18.49
N LEU A 86 -18.19 -14.93 -18.61
CA LEU A 86 -19.38 -14.46 -19.30
C LEU A 86 -19.41 -14.92 -20.75
N THR A 87 -18.26 -14.88 -21.42
CA THR A 87 -18.19 -15.24 -22.85
C THR A 87 -17.80 -16.70 -23.07
N GLU A 88 -17.82 -17.50 -21.99
CA GLU A 88 -17.46 -18.93 -22.02
C GLU A 88 -16.12 -19.10 -22.72
N ALA A 89 -15.13 -18.31 -22.29
CA ALA A 89 -13.78 -18.32 -22.89
C ALA A 89 -13.74 -18.03 -24.40
N ARG A 90 -14.79 -17.39 -24.94
CA ARG A 90 -14.77 -16.96 -26.35
C ARG A 90 -14.03 -15.65 -26.54
N ILE A 91 -13.91 -14.87 -25.47
CA ILE A 91 -13.35 -13.56 -25.60
C ILE A 91 -11.97 -13.60 -26.24
N GLU A 92 -11.77 -12.75 -27.25
CA GLU A 92 -10.46 -12.60 -27.88
C GLU A 92 -9.36 -11.99 -26.99
N ALA A 93 -8.12 -12.47 -27.13
CA ALA A 93 -6.97 -11.87 -26.44
C ALA A 93 -6.89 -10.35 -26.73
N ARG A 94 -7.19 -9.96 -27.97
CA ARG A 94 -7.26 -8.54 -28.28
C ARG A 94 -8.24 -7.78 -27.35
N ASP A 95 -9.39 -8.37 -27.05
CA ASP A 95 -10.36 -7.70 -26.17
C ASP A 95 -9.98 -7.75 -24.68
N ILE A 96 -9.26 -8.80 -24.29
CA ILE A 96 -8.65 -8.83 -22.94
C ILE A 96 -7.59 -7.74 -22.80
N GLN A 97 -6.82 -7.55 -23.86
N GLN A 97 -6.79 -7.48 -23.84
CA GLN A 97 -5.91 -6.42 -24.02
CA GLN A 97 -5.85 -6.37 -23.79
C GLN A 97 -6.63 -5.13 -23.69
C GLN A 97 -6.61 -5.04 -23.69
N ARG A 98 -7.80 -4.96 -24.30
CA ARG A 98 -8.66 -3.79 -24.09
C ARG A 98 -9.16 -3.63 -22.64
N ILE A 99 -9.41 -4.73 -21.97
CA ILE A 99 -9.74 -4.68 -20.54
C ILE A 99 -8.51 -4.23 -19.74
N VAL A 100 -7.33 -4.76 -20.06
CA VAL A 100 -6.12 -4.29 -19.36
C VAL A 100 -5.97 -2.77 -19.53
N GLU A 101 -6.24 -2.24 -20.72
CA GLU A 101 -6.15 -0.79 -20.97
C GLU A 101 -7.15 0.01 -20.17
N ILE A 102 -8.37 -0.50 -20.01
CA ILE A 102 -9.31 0.13 -19.10
C ILE A 102 -8.66 0.31 -17.73
N GLY A 103 -8.02 -0.74 -17.27
CA GLY A 103 -7.40 -0.70 -15.97
C GLY A 103 -6.24 0.27 -15.94
N ARG A 104 -5.42 0.25 -16.98
CA ARG A 104 -4.34 1.22 -17.11
C ARG A 104 -4.85 2.64 -17.07
N ALA A 105 -5.96 2.88 -17.75
CA ALA A 105 -6.51 4.23 -17.82
C ALA A 105 -7.00 4.66 -16.45
N THR A 106 -7.57 3.73 -15.69
CA THR A 106 -8.19 4.03 -14.37
C THR A 106 -7.07 4.29 -13.36
N LEU A 107 -5.99 3.56 -13.51
CA LEU A 107 -4.83 3.75 -12.66
C LEU A 107 -4.12 5.07 -12.85
N GLN A 108 -4.36 5.77 -13.94
CA GLN A 108 -3.84 7.11 -14.15
C GLN A 108 -5.00 8.07 -14.39
N HIS A 109 -6.13 7.83 -13.76
CA HIS A 109 -7.29 8.66 -14.08
C HIS A 109 -7.00 10.09 -13.62
N PRO A 110 -7.50 11.06 -14.40
CA PRO A 110 -7.32 12.46 -13.98
C PRO A 110 -7.87 12.65 -12.57
N VAL A 111 -7.16 13.41 -11.74
CA VAL A 111 -7.62 13.73 -10.39
C VAL A 111 -8.10 15.17 -10.35
N GLU A 112 -9.42 15.32 -10.29
CA GLU A 112 -10.05 16.61 -10.30
C GLU A 112 -10.67 16.84 -8.93
N VAL A 113 -10.11 17.81 -8.21
CA VAL A 113 -10.59 18.15 -6.91
C VAL A 113 -12.02 18.72 -7.02
N ILE A 114 -12.85 18.39 -6.05
CA ILE A 114 -14.25 18.80 -6.06
C ILE A 114 -14.37 20.29 -5.69
N ALA A 115 -15.33 20.98 -6.29
CA ALA A 115 -15.55 22.39 -6.01
C ALA A 115 -15.66 22.69 -4.52
N GLY A 116 -14.82 23.62 -4.04
CA GLY A 116 -14.86 24.10 -2.68
C GLY A 116 -14.01 23.36 -1.66
N VAL A 117 -13.43 22.25 -2.10
CA VAL A 117 -12.69 21.38 -1.18
C VAL A 117 -11.45 22.04 -0.64
N ARG A 118 -10.63 22.65 -1.50
CA ARG A 118 -9.38 23.22 -1.03
C ARG A 118 -9.64 24.30 -0.01
N GLU A 119 -10.66 25.13 -0.23
CA GLU A 119 -10.93 26.22 0.73
C GLU A 119 -11.42 25.64 2.07
N ALA A 120 -12.32 24.66 2.01
CA ALA A 120 -12.84 23.94 3.21
C ALA A 120 -11.67 23.36 4.04
N VAL A 121 -10.79 22.61 3.38
CA VAL A 121 -9.64 21.97 4.07
C VAL A 121 -8.70 22.99 4.71
N ALA A 122 -8.36 24.05 3.94
CA ALA A 122 -7.51 25.13 4.45
C ALA A 122 -8.16 25.78 5.66
N ALA A 123 -9.48 26.02 5.57
CA ALA A 123 -10.21 26.66 6.68
C ALA A 123 -10.15 25.80 7.93
N ILE A 124 -10.38 24.49 7.78
CA ILE A 124 -10.33 23.56 8.90
C ILE A 124 -8.92 23.47 9.46
N ALA A 125 -7.94 23.37 8.56
CA ALA A 125 -6.54 23.17 8.94
C ALA A 125 -6.00 24.33 9.74
N ALA A 126 -6.66 25.48 9.71
CA ALA A 126 -6.28 26.65 10.51
C ALA A 126 -6.48 26.39 12.01
N ASP A 127 -7.46 25.57 12.37
CA ASP A 127 -7.83 25.33 13.78
C ASP A 127 -7.63 23.90 14.31
N TYR A 128 -7.45 22.96 13.38
CA TYR A 128 -7.40 21.53 13.67
C TYR A 128 -6.26 20.90 12.89
N ALA A 129 -5.65 19.84 13.43
CA ALA A 129 -4.81 18.92 12.66
C ALA A 129 -5.68 18.29 11.63
N VAL A 130 -5.11 17.98 10.46
CA VAL A 130 -5.86 17.29 9.39
C VAL A 130 -5.11 16.04 8.93
N VAL A 131 -5.83 14.99 8.53
CA VAL A 131 -5.19 13.78 8.03
C VAL A 131 -6.06 13.25 6.88
N LEU A 132 -5.43 12.69 5.86
CA LEU A 132 -6.18 11.98 4.80
C LEU A 132 -6.14 10.51 5.14
N ILE A 133 -7.30 9.88 5.29
CA ILE A 133 -7.36 8.46 5.58
C ILE A 133 -8.14 7.81 4.48
N THR A 134 -7.48 6.89 3.81
CA THR A 134 -8.12 6.16 2.72
C THR A 134 -7.77 4.67 2.68
N LYS A 135 -8.66 3.82 2.15
CA LYS A 135 -8.33 2.44 1.93
C LYS A 135 -7.96 2.23 0.47
N GLY A 136 -7.29 1.10 0.20
CA GLY A 136 -6.97 0.74 -1.14
C GLY A 136 -5.49 0.68 -1.42
N ASP A 137 -5.14 1.09 -2.64
CA ASP A 137 -3.80 0.95 -3.21
C ASP A 137 -2.95 2.12 -2.76
N LEU A 138 -1.92 1.82 -1.99
CA LEU A 138 -1.05 2.84 -1.45
C LEU A 138 -0.42 3.70 -2.52
N PHE A 139 0.17 3.05 -3.52
CA PHE A 139 0.80 3.81 -4.61
C PHE A 139 -0.19 4.69 -5.37
N HIS A 140 -1.36 4.15 -5.73
CA HIS A 140 -2.33 4.94 -6.45
C HIS A 140 -2.90 6.09 -5.62
N GLN A 141 -3.22 5.83 -4.36
CA GLN A 141 -3.72 6.88 -3.43
C GLN A 141 -2.66 7.98 -3.22
N GLU A 142 -1.40 7.57 -3.09
CA GLU A 142 -0.32 8.55 -2.98
C GLU A 142 -0.21 9.42 -4.22
N GLN A 143 -0.37 8.80 -5.39
CA GLN A 143 -0.32 9.54 -6.64
C GLN A 143 -1.52 10.49 -6.79
N LYS A 144 -2.69 10.09 -6.32
CA LYS A 144 -3.89 10.92 -6.40
C LYS A 144 -3.72 12.18 -5.57
N ILE A 145 -3.24 12.05 -4.32
CA ILE A 145 -2.99 13.24 -3.52
C ILE A 145 -1.99 14.19 -4.21
N GLU A 146 -0.97 13.66 -4.86
CA GLU A 146 0.01 14.53 -5.57
C GLU A 146 -0.62 15.17 -6.82
N GLN A 147 -1.33 14.40 -7.65
CA GLN A 147 -2.04 14.91 -8.83
C GLN A 147 -3.07 15.96 -8.46
N SER A 148 -3.60 15.90 -7.24
CA SER A 148 -4.75 16.70 -6.83
C SER A 148 -4.39 18.14 -6.63
N GLY A 149 -3.15 18.41 -6.27
CA GLY A 149 -2.71 19.72 -5.82
C GLY A 149 -2.87 19.97 -4.33
N LEU A 150 -3.55 19.07 -3.62
CA LEU A 150 -3.80 19.22 -2.18
C LEU A 150 -2.68 18.70 -1.25
N SER A 151 -1.56 18.23 -1.80
CA SER A 151 -0.40 17.73 -0.99
C SER A 151 0.12 18.66 0.06
N ASP A 152 0.13 19.94 -0.23
CA ASP A 152 0.60 20.89 0.76
C ASP A 152 -0.27 20.91 2.00
N LEU A 153 -1.56 20.56 1.90
CA LEU A 153 -2.44 20.51 3.04
C LEU A 153 -2.47 19.15 3.75
N PHE A 154 -2.03 18.09 3.08
CA PHE A 154 -2.07 16.77 3.64
C PHE A 154 -0.68 16.20 3.66
N PRO A 155 0.13 16.69 4.61
CA PRO A 155 1.40 16.03 4.92
C PRO A 155 1.12 14.64 5.61
N ARG A 156 0.22 14.64 6.60
CA ARG A 156 -0.27 13.38 7.19
C ARG A 156 -1.19 12.61 6.23
N ILE A 157 -0.72 11.44 5.76
CA ILE A 157 -1.51 10.56 4.86
C ILE A 157 -1.45 9.08 5.26
N GLU A 158 -2.61 8.44 5.35
CA GLU A 158 -2.75 7.12 5.95
C GLU A 158 -3.59 6.26 5.04
N VAL A 159 -2.93 5.31 4.39
CA VAL A 159 -3.61 4.34 3.56
C VAL A 159 -3.71 3.02 4.33
N VAL A 160 -4.91 2.48 4.37
CA VAL A 160 -5.20 1.26 5.09
C VAL A 160 -5.80 0.22 4.18
N SER A 161 -5.83 -1.01 4.65
CA SER A 161 -6.44 -2.12 3.87
C SER A 161 -7.96 -2.16 4.00
N GLU A 162 -8.46 -1.80 5.18
CA GLU A 162 -9.90 -1.75 5.39
C GLU A 162 -10.19 -0.66 6.38
N LYS A 163 -11.32 -0.01 6.17
CA LYS A 163 -11.83 1.03 7.07
C LYS A 163 -12.84 0.38 8.03
N ASP A 164 -12.36 0.02 9.20
CA ASP A 164 -13.18 -0.65 10.19
C ASP A 164 -12.79 -0.09 11.53
N PRO A 165 -13.61 -0.36 12.58
CA PRO A 165 -13.33 0.28 13.88
C PRO A 165 -11.93 0.03 14.40
N GLN A 166 -11.42 -1.18 14.19
CA GLN A 166 -10.11 -1.54 14.70
C GLN A 166 -9.03 -0.69 14.03
N THR A 167 -9.17 -0.53 12.73
CA THR A 167 -8.22 0.28 11.96
C THR A 167 -8.23 1.75 12.38
N TYR A 168 -9.43 2.33 12.43
CA TYR A 168 -9.54 3.68 12.89
C TYR A 168 -8.93 3.84 14.27
N ALA A 169 -9.21 2.89 15.19
CA ALA A 169 -8.63 2.98 16.56
C ALA A 169 -7.09 2.93 16.54
N ARG A 170 -6.56 2.10 15.66
CA ARG A 170 -5.13 1.97 15.51
C ARG A 170 -4.53 3.29 15.03
N VAL A 171 -5.17 3.92 14.04
CA VAL A 171 -4.70 5.20 13.50
C VAL A 171 -4.68 6.21 14.63
N LEU A 172 -5.78 6.32 15.36
CA LEU A 172 -5.83 7.25 16.49
C LEU A 172 -4.85 6.97 17.59
N SER A 173 -4.55 5.71 17.83
CA SER A 173 -3.59 5.36 18.89
C SER A 173 -2.21 5.93 18.56
N GLU A 174 -1.89 5.94 17.27
CA GLU A 174 -0.63 6.51 16.83
C GLU A 174 -0.55 8.02 16.94
N PHE A 175 -1.68 8.70 16.76
CA PHE A 175 -1.77 10.13 17.02
C PHE A 175 -1.91 10.40 18.51
N ASP A 176 -2.12 9.35 19.30
CA ASP A 176 -2.21 9.44 20.75
C ASP A 176 -3.42 10.30 21.10
N LEU A 177 -4.53 10.02 20.44
CA LEU A 177 -5.69 10.87 20.52
C LEU A 177 -6.88 9.98 20.81
N PRO A 178 -7.76 10.34 21.76
CA PRO A 178 -8.95 9.53 21.94
C PRO A 178 -9.95 9.88 20.85
N ALA A 179 -10.85 8.94 20.55
CA ALA A 179 -11.76 9.11 19.44
C ALA A 179 -12.71 10.27 19.59
N GLU A 180 -13.07 10.65 20.82
CA GLU A 180 -13.98 11.81 21.00
C GLU A 180 -13.38 13.18 20.58
N ARG A 181 -12.09 13.19 20.26
CA ARG A 181 -11.43 14.37 19.74
C ARG A 181 -11.12 14.27 18.25
N PHE A 182 -11.80 13.35 17.54
CA PHE A 182 -11.60 13.15 16.13
C PHE A 182 -12.92 13.19 15.38
N VAL A 183 -12.92 13.93 14.27
CA VAL A 183 -14.01 13.95 13.31
C VAL A 183 -13.49 13.36 12.01
N ILE A 185 -14.43 12.95 7.88
CA ILE A 185 -15.27 13.47 6.78
C ILE A 185 -15.18 12.52 5.60
N GLY A 186 -16.34 12.04 5.14
CA GLY A 186 -16.36 11.19 3.96
C GLY A 186 -17.70 11.01 3.29
N ASN A 187 -17.67 10.33 2.16
CA ASN A 187 -18.86 10.13 1.35
C ASN A 187 -19.57 8.82 1.57
N SER A 188 -18.94 7.89 2.30
CA SER A 188 -19.54 6.56 2.57
C SER A 188 -19.87 6.43 4.06
N LEU A 189 -21.16 6.40 4.40
CA LEU A 189 -21.65 6.05 5.72
C LEU A 189 -20.99 4.73 6.23
N ARG A 190 -21.05 3.67 5.42
CA ARG A 190 -20.50 2.37 5.81
C ARG A 190 -19.02 2.42 6.16
N SER A 191 -18.20 3.10 5.34
CA SER A 191 -16.73 3.10 5.51
C SER A 191 -16.15 4.28 6.24
N ASP A 192 -16.72 5.47 6.05
CA ASP A 192 -16.11 6.66 6.54
C ASP A 192 -16.68 7.04 7.91
N VAL A 193 -17.99 6.97 8.03
CA VAL A 193 -18.67 7.55 9.17
C VAL A 193 -18.99 6.49 10.25
N GLU A 194 -19.61 5.39 9.86
CA GLU A 194 -20.13 4.43 10.84
C GLU A 194 -19.02 3.84 11.72
N PRO A 195 -17.87 3.42 11.14
CA PRO A 195 -16.80 2.87 12.01
C PRO A 195 -16.20 3.86 13.00
N VAL A 196 -16.18 5.14 12.67
CA VAL A 196 -15.68 6.16 13.55
C VAL A 196 -16.70 6.43 14.68
N LEU A 197 -17.98 6.53 14.34
CA LEU A 197 -19.04 6.61 15.35
C LEU A 197 -18.92 5.43 16.27
N ALA A 198 -18.65 4.25 15.71
CA ALA A 198 -18.55 3.03 16.52
C ALA A 198 -17.47 3.01 17.59
N ILE A 199 -16.35 3.69 17.36
CA ILE A 199 -15.27 3.79 18.34
C ILE A 199 -15.34 5.04 19.23
N GLY A 200 -16.38 5.83 19.03
CA GLY A 200 -16.67 6.99 19.87
C GLY A 200 -16.33 8.33 19.24
N GLY A 201 -16.10 8.34 17.93
CA GLY A 201 -15.74 9.59 17.21
C GLY A 201 -16.94 10.29 16.65
N TRP A 202 -16.67 11.25 15.81
CA TRP A 202 -17.64 12.10 15.20
C TRP A 202 -17.49 12.00 13.72
N GLY A 203 -18.57 12.33 13.01
CA GLY A 203 -18.66 12.10 11.60
C GLY A 203 -19.27 13.27 10.87
N ILE A 204 -18.75 13.53 9.70
CA ILE A 204 -19.41 14.37 8.70
C ILE A 204 -19.60 13.54 7.40
N TYR A 205 -20.85 13.45 7.00
CA TYR A 205 -21.32 12.67 5.86
C TYR A 205 -21.68 13.58 4.71
N THR A 206 -20.93 13.46 3.62
CA THR A 206 -21.16 14.20 2.37
C THR A 206 -21.25 13.23 1.19
N PRO A 207 -22.46 12.75 0.90
CA PRO A 207 -22.60 11.76 -0.16
C PRO A 207 -22.23 12.33 -1.55
N TYR A 208 -21.69 11.47 -2.41
CA TYR A 208 -21.28 11.86 -3.75
C TYR A 208 -22.39 11.48 -4.70
N ALA A 209 -22.92 12.43 -5.45
CA ALA A 209 -24.16 12.18 -6.26
C ALA A 209 -23.88 11.32 -7.49
N ASP A 223 -32.45 10.39 14.86
CA ASP A 223 -31.29 9.65 14.35
C ASP A 223 -30.00 9.74 15.22
N GLU A 224 -28.94 10.42 14.74
CA GLU A 224 -27.57 10.15 15.16
C GLU A 224 -26.84 11.44 15.56
N PRO A 225 -26.74 11.71 16.87
CA PRO A 225 -26.24 13.00 17.33
C PRO A 225 -24.76 13.31 17.07
N ARG A 226 -23.93 12.29 16.81
CA ARG A 226 -22.50 12.49 16.58
C ARG A 226 -22.11 12.61 15.09
N LEU A 227 -23.12 12.75 14.23
CA LEU A 227 -22.93 12.87 12.81
C LEU A 227 -23.65 14.15 12.33
N ARG A 228 -23.07 14.83 11.34
N ARG A 228 -23.09 14.85 11.35
CA ARG A 228 -23.76 15.87 10.55
CA ARG A 228 -23.84 15.88 10.58
C ARG A 228 -23.76 15.42 9.11
C ARG A 228 -23.74 15.53 9.12
N GLU A 229 -24.87 15.64 8.41
CA GLU A 229 -24.87 15.42 6.98
C GLU A 229 -24.71 16.79 6.38
N VAL A 230 -23.66 16.94 5.59
CA VAL A 230 -23.30 18.21 4.98
C VAL A 230 -23.25 18.04 3.45
N PRO A 231 -24.16 18.69 2.70
CA PRO A 231 -24.29 18.43 1.25
C PRO A 231 -23.08 18.76 0.38
N ASP A 232 -22.32 19.81 0.69
CA ASP A 232 -21.17 20.13 -0.09
C ASP A 232 -20.04 20.61 0.81
N PRO A 233 -18.80 20.57 0.31
CA PRO A 233 -17.66 20.88 1.17
C PRO A 233 -17.66 22.24 1.83
N SER A 234 -18.28 23.24 1.22
CA SER A 234 -18.31 24.58 1.82
C SER A 234 -18.94 24.57 3.23
N GLY A 235 -19.78 23.56 3.51
CA GLY A 235 -20.36 23.38 4.86
C GLY A 235 -19.49 22.66 5.90
N TRP A 236 -18.34 22.13 5.48
CA TRP A 236 -17.55 21.30 6.37
C TRP A 236 -16.96 22.06 7.56
N PRO A 237 -16.36 23.26 7.34
CA PRO A 237 -15.73 23.97 8.46
C PRO A 237 -16.75 24.30 9.56
N ALA A 238 -17.93 24.79 9.18
CA ALA A 238 -19.02 25.07 10.14
C ALA A 238 -19.46 23.80 10.91
N ALA A 239 -19.48 22.68 10.21
CA ALA A 239 -19.89 21.39 10.77
C ALA A 239 -18.86 20.93 11.78
N VAL A 240 -17.58 21.11 11.46
CA VAL A 240 -16.49 20.74 12.39
C VAL A 240 -16.62 21.55 13.68
N ARG A 241 -16.86 22.85 13.52
CA ARG A 241 -17.01 23.75 14.64
C ARG A 241 -18.19 23.36 15.51
N ALA A 242 -19.30 22.94 14.88
CA ALA A 242 -20.50 22.60 15.58
C ALA A 242 -20.27 21.32 16.38
N LEU A 243 -19.59 20.36 15.77
CA LEU A 243 -19.24 19.10 16.42
C LEU A 243 -18.30 19.36 17.58
N ASP A 244 -17.34 20.25 17.38
CA ASP A 244 -16.44 20.63 18.42
C ASP A 244 -17.17 21.26 19.59
N ALA A 245 -18.15 22.09 19.32
CA ALA A 245 -18.91 22.74 20.41
C ALA A 245 -19.63 21.69 21.26
N GLN A 246 -20.29 20.75 20.59
CA GLN A 246 -21.02 19.63 21.22
C GLN A 246 -20.08 18.78 22.06
N ALA A 247 -18.92 18.46 21.49
CA ALA A 247 -17.90 17.63 22.18
C ALA A 247 -17.41 18.28 23.47
N GLY A 248 -17.16 19.57 23.38
CA GLY A 248 -16.70 20.34 24.53
C GLY A 248 -17.70 20.42 25.67
N ARG A 249 -18.99 20.48 25.37
CA ARG A 249 -20.02 20.48 26.42
C ARG A 249 -20.11 19.13 27.14
N GLN A 250 -19.60 18.07 26.52
CA GLN A 250 -19.65 16.72 27.06
C GLN A 250 -18.34 16.27 27.68
N GLN A 251 -17.28 17.06 27.59
CA GLN A 251 -15.90 16.58 27.85
C GLN A 251 -14.89 17.68 27.60
N GLY B 10 22.17 5.03 27.11
CA GLY B 10 23.57 5.40 26.70
C GLY B 10 24.21 4.38 25.76
N GLN B 11 23.88 4.47 24.45
CA GLN B 11 24.44 3.62 23.35
C GLN B 11 24.25 4.33 22.02
N ALA B 12 24.96 3.93 20.95
CA ALA B 12 24.99 4.68 19.68
C ALA B 12 23.79 4.32 18.75
N ILE B 13 23.62 3.05 18.42
CA ILE B 13 22.52 2.67 17.54
C ILE B 13 21.31 2.48 18.41
N GLN B 14 20.16 3.03 17.98
CA GLN B 14 18.93 2.96 18.77
C GLN B 14 17.80 2.22 18.09
N LEU B 15 17.89 2.04 16.78
CA LEU B 15 16.84 1.47 16.03
C LEU B 15 17.40 0.60 14.90
N VAL B 16 16.81 -0.58 14.78
CA VAL B 16 17.17 -1.54 13.70
C VAL B 16 15.96 -1.80 12.87
N GLY B 17 16.11 -1.56 11.57
CA GLY B 17 15.09 -1.80 10.61
C GLY B 17 15.37 -3.06 9.89
N PHE B 18 14.28 -3.66 9.41
CA PHE B 18 14.35 -4.91 8.69
C PHE B 18 13.45 -4.82 7.46
N ASP B 19 13.99 -5.17 6.30
CA ASP B 19 13.23 -5.51 5.10
C ASP B 19 12.38 -6.76 5.29
N GLY B 20 11.40 -6.94 4.40
CA GLY B 20 10.52 -8.07 4.50
C GLY B 20 10.89 -9.12 3.52
N ASP B 21 10.48 -8.90 2.28
CA ASP B 21 10.62 -9.92 1.21
C ASP B 21 12.09 -10.34 1.07
N ASP B 22 12.34 -11.63 1.21
CA ASP B 22 13.67 -12.23 1.03
C ASP B 22 14.65 -11.81 2.10
N THR B 23 14.16 -11.20 3.18
CA THR B 23 14.97 -10.91 4.38
C THR B 23 14.37 -11.62 5.61
N LEU B 24 13.14 -11.26 5.95
CA LEU B 24 12.40 -11.96 7.01
C LEU B 24 11.71 -13.24 6.51
N TRP B 25 11.22 -13.25 5.26
CA TRP B 25 10.49 -14.40 4.70
C TRP B 25 10.86 -14.60 3.24
N LYS B 26 10.61 -15.80 2.72
N LYS B 26 10.61 -15.80 2.72
CA LYS B 26 10.83 -16.07 1.31
CA LYS B 26 10.85 -16.10 1.31
C LYS B 26 9.80 -15.32 0.46
C LYS B 26 9.81 -15.35 0.47
N SER B 27 10.20 -14.88 -0.71
CA SER B 27 9.28 -14.25 -1.66
C SER B 27 9.71 -14.65 -3.06
N GLU B 28 10.97 -14.40 -3.39
CA GLU B 28 11.42 -14.58 -4.77
C GLU B 28 11.23 -15.99 -5.25
N ASP B 29 11.41 -16.99 -4.37
CA ASP B 29 11.17 -18.37 -4.77
C ASP B 29 9.80 -18.55 -5.45
N TYR B 30 8.79 -17.88 -4.93
CA TYR B 30 7.44 -18.07 -5.36
C TYR B 30 7.23 -17.35 -6.70
N TYR B 31 7.87 -16.20 -6.85
CA TYR B 31 7.82 -15.50 -8.12
C TYR B 31 8.55 -16.31 -9.19
N ARG B 32 9.60 -17.02 -8.80
CA ARG B 32 10.28 -17.90 -9.76
C ARG B 32 9.41 -19.07 -10.19
N THR B 33 8.60 -19.59 -9.27
CA THR B 33 7.64 -20.64 -9.62
C THR B 33 6.58 -20.13 -10.59
N ALA B 34 6.05 -18.92 -10.32
CA ALA B 34 5.08 -18.28 -11.19
C ALA B 34 5.66 -18.05 -12.59
N GLU B 35 6.91 -17.60 -12.68
CA GLU B 35 7.59 -17.37 -13.95
C GLU B 35 7.76 -18.67 -14.74
N ALA B 36 8.03 -19.74 -14.04
CA ALA B 36 8.19 -21.06 -14.64
C ALA B 36 6.86 -21.51 -15.22
N ASP B 37 5.80 -21.35 -14.43
CA ASP B 37 4.45 -21.70 -14.91
C ASP B 37 4.02 -20.84 -16.11
N PHE B 38 4.37 -19.57 -16.10
CA PHE B 38 4.02 -18.65 -17.18
C PHE B 38 4.67 -19.11 -18.48
N GLU B 39 5.98 -19.39 -18.40
CA GLU B 39 6.71 -19.88 -19.56
C GLU B 39 6.20 -21.21 -20.06
N ALA B 40 5.72 -22.06 -19.18
CA ALA B 40 5.14 -23.31 -19.63
C ALA B 40 3.89 -23.05 -20.46
N ILE B 41 3.10 -22.06 -20.09
CA ILE B 41 1.89 -21.72 -20.86
C ILE B 41 2.28 -21.20 -22.24
N LEU B 42 3.30 -20.34 -22.28
CA LEU B 42 3.75 -19.72 -23.56
C LEU B 42 4.39 -20.72 -24.51
N SER B 43 5.01 -21.76 -23.94
CA SER B 43 5.70 -22.81 -24.70
C SER B 43 4.73 -23.59 -25.59
N GLY B 44 3.44 -23.48 -25.29
CA GLY B 44 2.41 -24.08 -26.16
C GLY B 44 2.14 -23.23 -27.40
N TYR B 45 2.64 -21.99 -27.38
CA TYR B 45 2.47 -21.01 -28.48
C TYR B 45 3.78 -20.65 -29.17
N LEU B 46 4.85 -20.50 -28.40
CA LEU B 46 6.06 -19.90 -28.90
C LEU B 46 7.22 -20.85 -28.75
N ASP B 47 8.27 -20.60 -29.53
CA ASP B 47 9.53 -21.28 -29.36
C ASP B 47 10.37 -20.48 -28.37
N LEU B 48 10.31 -20.88 -27.10
CA LEU B 48 11.04 -20.20 -26.06
C LEU B 48 12.46 -20.73 -25.87
N GLY B 49 12.83 -21.75 -26.64
CA GLY B 49 14.21 -22.23 -26.65
C GLY B 49 15.01 -21.60 -27.78
N ASP B 50 14.83 -20.29 -27.94
CA ASP B 50 15.37 -19.56 -29.07
C ASP B 50 15.80 -18.18 -28.57
N SER B 51 17.11 -18.03 -28.36
CA SER B 51 17.73 -16.74 -28.04
C SER B 51 17.27 -15.73 -29.10
N ARG B 52 16.26 -14.95 -28.74
CA ARG B 52 15.44 -14.25 -29.72
C ARG B 52 14.19 -13.71 -29.07
N GLN B 54 13.73 -12.12 -25.61
CA GLN B 54 12.97 -10.87 -26.00
C GLN B 54 11.81 -10.54 -25.03
N GLN B 55 12.00 -10.82 -23.74
CA GLN B 55 11.15 -10.20 -22.71
C GLN B 55 12.01 -9.46 -21.67
N HIS B 56 11.67 -8.20 -21.33
CA HIS B 56 10.47 -7.41 -21.81
C HIS B 56 9.10 -7.63 -21.05
N LEU B 57 9.08 -8.58 -20.10
CA LEU B 57 8.21 -8.47 -18.93
C LEU B 57 8.59 -7.11 -18.33
N LEU B 58 9.89 -6.80 -18.45
CA LEU B 58 10.48 -5.57 -17.92
C LEU B 58 9.67 -4.38 -18.35
N ALA B 59 9.46 -4.26 -19.66
CA ALA B 59 8.73 -3.14 -20.22
C ALA B 59 7.32 -2.99 -19.60
N VAL B 60 6.62 -4.11 -19.40
CA VAL B 60 5.23 -4.05 -18.91
C VAL B 60 5.13 -3.79 -17.36
N GLU B 61 6.20 -3.27 -16.75
CA GLU B 61 6.18 -2.86 -15.31
C GLU B 61 6.68 -1.39 -15.17
N PHE B 68 2.70 -1.66 -14.53
CA PHE B 68 1.67 -2.23 -13.62
C PHE B 68 2.13 -2.53 -12.19
N GLY B 69 3.44 -2.79 -12.04
CA GLY B 69 4.00 -3.09 -10.71
C GLY B 69 4.75 -4.40 -10.64
N TYR B 70 5.54 -4.52 -9.57
CA TYR B 70 6.44 -5.66 -9.37
C TYR B 70 5.88 -6.70 -8.36
N GLY B 71 4.72 -6.39 -7.78
CA GLY B 71 4.00 -7.29 -6.89
C GLY B 71 3.21 -8.26 -7.71
N ALA B 72 2.48 -9.14 -7.04
CA ALA B 72 1.80 -10.24 -7.75
C ALA B 72 0.69 -9.75 -8.70
N LYS B 73 -0.05 -8.71 -8.32
CA LYS B 73 -1.06 -8.16 -9.22
C LYS B 73 -0.42 -7.57 -10.46
N GLY B 74 0.63 -6.78 -10.26
CA GLY B 74 1.35 -6.19 -11.40
C GLY B 74 2.02 -7.24 -12.26
N THR B 76 0.93 -10.27 -12.79
CA THR B 76 -0.11 -10.97 -13.54
C THR B 76 -0.58 -10.17 -14.74
N LEU B 77 -0.81 -8.86 -14.54
CA LEU B 77 -1.22 -8.00 -15.66
C LEU B 77 -0.12 -7.92 -16.66
N SER B 78 1.12 -7.81 -16.17
CA SER B 78 2.28 -7.79 -17.08
C SER B 78 2.43 -9.08 -17.83
N ILE B 80 0.10 -11.12 -18.55
CA ILE B 80 -1.00 -11.11 -19.51
C ILE B 80 -0.72 -10.27 -20.75
N GLU B 81 -0.27 -9.04 -20.57
CA GLU B 81 0.04 -8.17 -21.70
C GLU B 81 1.17 -8.79 -22.56
N THR B 82 2.18 -9.31 -21.89
CA THR B 82 3.31 -9.92 -22.53
C THR B 82 2.82 -11.06 -23.41
N ALA B 83 2.07 -12.00 -22.84
CA ALA B 83 1.55 -13.13 -23.58
C ALA B 83 0.76 -12.69 -24.75
N ILE B 84 -0.12 -11.70 -24.58
CA ILE B 84 -0.92 -11.18 -25.71
C ILE B 84 -0.05 -10.57 -26.79
N GLU B 85 0.94 -9.78 -26.38
CA GLU B 85 1.90 -9.18 -27.29
C GLU B 85 2.67 -10.26 -28.08
N LEU B 86 3.38 -11.13 -27.35
CA LEU B 86 4.25 -12.15 -27.94
C LEU B 86 3.55 -13.16 -28.82
N THR B 87 2.25 -13.43 -28.57
CA THR B 87 1.44 -14.36 -29.38
C THR B 87 0.61 -13.67 -30.45
N GLU B 88 0.83 -12.36 -30.61
CA GLU B 88 0.12 -11.58 -31.62
C GLU B 88 -1.39 -11.76 -31.38
N ALA B 89 -1.75 -11.73 -30.09
CA ALA B 89 -3.16 -11.91 -29.62
C ALA B 89 -3.85 -13.23 -30.07
N ARG B 90 -3.07 -14.29 -30.25
CA ARG B 90 -3.62 -15.60 -30.58
C ARG B 90 -3.87 -16.44 -29.33
N ILE B 91 -3.25 -16.05 -28.24
CA ILE B 91 -3.45 -16.76 -26.97
C ILE B 91 -4.96 -16.86 -26.66
N GLU B 92 -5.37 -18.05 -26.24
CA GLU B 92 -6.75 -18.39 -25.92
C GLU B 92 -7.14 -17.80 -24.59
N ALA B 93 -8.40 -17.36 -24.47
CA ALA B 93 -8.95 -16.94 -23.16
C ALA B 93 -8.67 -18.00 -22.07
N ARG B 94 -8.91 -19.29 -22.35
CA ARG B 94 -8.59 -20.33 -21.33
C ARG B 94 -7.15 -20.22 -20.80
N ASP B 95 -6.20 -19.83 -21.65
CA ASP B 95 -4.81 -19.77 -21.20
C ASP B 95 -4.49 -18.49 -20.46
N ILE B 96 -5.15 -17.39 -20.82
CA ILE B 96 -5.12 -16.15 -20.01
C ILE B 96 -5.70 -16.42 -18.64
N GLN B 97 -6.78 -17.20 -18.56
CA GLN B 97 -7.30 -17.58 -17.25
C GLN B 97 -6.22 -18.29 -16.45
N ARG B 98 -5.38 -19.11 -17.10
CA ARG B 98 -4.34 -19.82 -16.39
C ARG B 98 -3.28 -18.87 -15.80
N ILE B 99 -3.11 -17.69 -16.41
CA ILE B 99 -2.11 -16.72 -15.98
C ILE B 99 -2.70 -16.03 -14.78
N VAL B 100 -4.00 -15.79 -14.83
CA VAL B 100 -4.67 -15.21 -13.68
C VAL B 100 -4.51 -16.18 -12.51
N GLU B 101 -4.70 -17.48 -12.73
CA GLU B 101 -4.56 -18.46 -11.63
C GLU B 101 -3.14 -18.51 -11.04
N ILE B 102 -2.11 -18.28 -11.87
CA ILE B 102 -0.74 -18.06 -11.37
C ILE B 102 -0.64 -16.91 -10.35
N GLY B 103 -1.19 -15.75 -10.69
CA GLY B 103 -1.14 -14.59 -9.81
C GLY B 103 -1.91 -14.89 -8.54
N ARG B 104 -3.06 -15.54 -8.68
CA ARG B 104 -3.90 -15.86 -7.53
C ARG B 104 -3.16 -16.83 -6.63
N ALA B 105 -2.49 -17.81 -7.22
CA ALA B 105 -1.69 -18.75 -6.46
C ALA B 105 -0.54 -18.04 -5.78
N THR B 106 0.08 -17.08 -6.48
CA THR B 106 1.21 -16.32 -5.91
C THR B 106 0.76 -15.41 -4.78
N LEU B 107 -0.45 -14.86 -4.89
CA LEU B 107 -1.03 -14.04 -3.84
C LEU B 107 -1.43 -14.82 -2.59
N GLN B 108 -1.78 -16.10 -2.76
CA GLN B 108 -2.29 -16.90 -1.66
C GLN B 108 -1.19 -17.76 -1.02
N HIS B 109 0.06 -17.54 -1.45
N HIS B 109 0.02 -17.76 -1.54
CA HIS B 109 1.26 -18.25 -0.95
CA HIS B 109 0.94 -18.72 -1.01
C HIS B 109 1.48 -17.95 0.52
C HIS B 109 1.48 -18.20 0.30
N PRO B 110 1.29 -18.93 1.41
CA PRO B 110 1.77 -18.53 2.74
C PRO B 110 3.29 -18.38 2.78
N VAL B 111 3.76 -17.29 3.36
CA VAL B 111 5.16 -16.99 3.32
C VAL B 111 5.83 -17.82 4.36
N GLU B 112 7.01 -18.33 4.00
CA GLU B 112 7.79 -19.13 4.91
C GLU B 112 8.86 -18.18 5.46
N VAL B 113 8.87 -18.07 6.79
CA VAL B 113 9.88 -17.32 7.51
C VAL B 113 11.25 -17.96 7.34
N ILE B 114 12.25 -17.11 7.16
CA ILE B 114 13.58 -17.55 6.90
C ILE B 114 14.20 -18.07 8.20
N ALA B 115 14.95 -19.16 8.08
CA ALA B 115 15.46 -19.84 9.24
C ALA B 115 16.39 -18.91 10.00
N GLY B 116 16.20 -18.83 11.31
CA GLY B 116 17.09 -18.00 12.14
C GLY B 116 16.59 -16.59 12.39
N VAL B 117 15.59 -16.18 11.61
CA VAL B 117 15.04 -14.81 11.66
C VAL B 117 14.37 -14.53 13.02
N ARG B 118 13.44 -15.38 13.49
CA ARG B 118 12.75 -15.08 14.76
C ARG B 118 13.75 -14.96 15.87
N GLU B 119 14.75 -15.83 15.87
N GLU B 119 14.75 -15.84 15.87
CA GLU B 119 15.79 -15.82 16.92
CA GLU B 119 15.79 -15.83 16.89
C GLU B 119 16.58 -14.52 16.84
C GLU B 119 16.59 -14.53 16.84
N ALA B 120 16.94 -14.12 15.62
CA ALA B 120 17.77 -12.94 15.40
C ALA B 120 17.04 -11.65 15.83
N VAL B 121 15.79 -11.52 15.40
CA VAL B 121 14.98 -10.36 15.75
C VAL B 121 14.74 -10.28 17.25
N ALA B 122 14.40 -11.41 17.88
CA ALA B 122 14.22 -11.51 19.32
C ALA B 122 15.49 -11.06 20.02
N ALA B 123 16.65 -11.53 19.54
CA ALA B 123 17.93 -11.18 20.21
C ALA B 123 18.20 -9.69 20.07
N ILE B 124 17.97 -9.17 18.86
CA ILE B 124 18.10 -7.73 18.63
C ILE B 124 17.08 -6.91 19.41
N ALA B 125 15.82 -7.33 19.40
CA ALA B 125 14.74 -6.59 20.10
C ALA B 125 14.94 -6.49 21.60
N ALA B 126 15.87 -7.27 22.16
CA ALA B 126 16.22 -7.20 23.56
C ALA B 126 17.07 -5.99 23.89
N ASP B 127 17.73 -5.40 22.90
CA ASP B 127 18.63 -4.29 23.20
C ASP B 127 18.37 -3.04 22.40
N TYR B 128 17.62 -3.18 21.31
CA TYR B 128 17.32 -2.10 20.35
C TYR B 128 15.83 -2.11 20.01
N ALA B 129 15.27 -0.92 19.75
CA ALA B 129 14.02 -0.76 19.02
C ALA B 129 14.12 -1.32 17.61
N VAL B 130 12.99 -1.81 17.10
CA VAL B 130 12.94 -2.43 15.78
C VAL B 130 11.70 -1.93 15.01
N VAL B 131 11.88 -1.91 13.68
CA VAL B 131 10.86 -1.53 12.77
C VAL B 131 10.98 -2.39 11.50
N LEU B 132 9.84 -2.82 10.98
CA LEU B 132 9.84 -3.48 9.69
C LEU B 132 9.52 -2.40 8.64
N ILE B 133 10.37 -2.29 7.63
CA ILE B 133 10.17 -1.34 6.53
C ILE B 133 10.15 -2.13 5.24
N THR B 134 8.98 -2.24 4.64
CA THR B 134 8.82 -3.07 3.47
C THR B 134 8.16 -2.25 2.37
N LYS B 135 8.65 -2.40 1.15
CA LYS B 135 8.02 -1.78 0.02
C LYS B 135 7.14 -2.81 -0.67
N GLY B 136 5.96 -2.42 -1.08
CA GLY B 136 5.16 -3.28 -1.98
C GLY B 136 3.69 -2.94 -1.91
N ASP B 137 2.86 -3.87 -2.39
CA ASP B 137 1.44 -3.76 -2.32
C ASP B 137 0.99 -3.85 -0.88
N LEU B 138 0.24 -2.83 -0.47
CA LEU B 138 -0.17 -2.71 0.90
C LEU B 138 -0.94 -3.95 1.35
N PHE B 139 -1.92 -4.37 0.57
CA PHE B 139 -2.74 -5.49 0.99
C PHE B 139 -1.92 -6.77 1.14
N HIS B 140 -1.11 -7.09 0.15
CA HIS B 140 -0.37 -8.36 0.14
C HIS B 140 0.71 -8.33 1.22
N GLN B 141 1.37 -7.19 1.37
CA GLN B 141 2.39 -7.05 2.42
C GLN B 141 1.79 -7.20 3.83
N GLU B 142 0.65 -6.58 4.10
CA GLU B 142 -0.03 -6.85 5.36
C GLU B 142 -0.40 -8.30 5.52
N GLN B 143 -0.78 -8.98 4.43
CA GLN B 143 -1.06 -10.40 4.53
C GLN B 143 0.21 -11.20 4.89
N LYS B 144 1.33 -10.92 4.25
CA LYS B 144 2.59 -11.58 4.54
C LYS B 144 3.04 -11.36 5.98
N ILE B 145 2.88 -10.13 6.46
CA ILE B 145 3.22 -9.82 7.85
C ILE B 145 2.41 -10.72 8.82
N GLU B 146 1.09 -10.76 8.59
CA GLU B 146 0.18 -11.60 9.35
C GLU B 146 0.56 -13.08 9.26
N GLN B 147 0.67 -13.61 8.04
CA GLN B 147 1.07 -15.00 7.78
C GLN B 147 2.40 -15.37 8.45
N SER B 148 3.38 -14.48 8.38
CA SER B 148 4.70 -14.71 8.98
C SER B 148 4.71 -15.04 10.49
N GLY B 149 3.69 -14.67 11.24
CA GLY B 149 3.72 -14.74 12.68
C GLY B 149 4.65 -13.75 13.37
N LEU B 150 5.30 -12.88 12.61
CA LEU B 150 6.32 -11.95 13.16
C LEU B 150 5.75 -10.66 13.76
N SER B 151 4.44 -10.45 13.64
CA SER B 151 3.79 -9.23 14.16
C SER B 151 4.11 -8.96 15.60
N ASP B 152 4.15 -10.03 16.39
CA ASP B 152 4.41 -9.87 17.76
C ASP B 152 5.79 -9.35 18.12
N LEU B 153 6.76 -9.37 17.19
CA LEU B 153 8.07 -8.83 17.50
C LEU B 153 8.23 -7.40 16.96
N PHE B 154 7.32 -7.00 16.09
CA PHE B 154 7.37 -5.70 15.42
C PHE B 154 6.14 -4.85 15.82
N PRO B 155 6.31 -3.96 16.78
CA PRO B 155 5.21 -3.04 17.11
C PRO B 155 5.13 -1.86 16.11
N ARG B 156 6.22 -1.56 15.42
CA ARG B 156 6.21 -0.54 14.38
C ARG B 156 6.46 -1.27 13.02
N ILE B 157 5.51 -1.12 12.10
CA ILE B 157 5.57 -1.69 10.77
C ILE B 157 5.22 -0.61 9.74
N GLU B 158 6.06 -0.47 8.74
CA GLU B 158 5.93 0.53 7.69
C GLU B 158 5.89 -0.12 6.32
N VAL B 159 4.80 0.03 5.58
CA VAL B 159 4.78 -0.41 4.19
C VAL B 159 4.89 0.90 3.40
N VAL B 160 5.79 0.94 2.43
CA VAL B 160 6.07 2.18 1.69
C VAL B 160 5.98 1.88 0.22
N SER B 161 5.81 2.92 -0.59
CA SER B 161 5.68 2.73 -2.05
C SER B 161 7.05 2.79 -2.73
N GLU B 162 8.00 3.46 -2.08
CA GLU B 162 9.34 3.50 -2.61
C GLU B 162 10.32 3.56 -1.48
N LYS B 163 11.44 2.86 -1.64
CA LYS B 163 12.60 2.94 -0.71
C LYS B 163 13.66 3.90 -1.24
N ASP B 164 13.39 5.18 -1.10
CA ASP B 164 14.34 6.18 -1.51
C ASP B 164 14.74 6.89 -0.24
N PRO B 165 15.79 7.71 -0.29
CA PRO B 165 16.25 8.40 0.87
C PRO B 165 15.16 9.19 1.59
N GLN B 166 14.29 9.87 0.86
CA GLN B 166 13.28 10.70 1.52
C GLN B 166 12.30 9.81 2.30
N THR B 167 11.95 8.65 1.79
CA THR B 167 11.02 7.75 2.51
C THR B 167 11.70 7.25 3.80
N TYR B 168 12.95 6.83 3.73
CA TYR B 168 13.60 6.42 4.98
C TYR B 168 13.73 7.59 5.93
N ALA B 169 13.98 8.78 5.38
CA ALA B 169 14.10 9.96 6.25
C ALA B 169 12.82 10.28 6.95
N ARG B 170 11.72 10.15 6.22
CA ARG B 170 10.37 10.38 6.78
C ARG B 170 10.12 9.41 7.91
N VAL B 171 10.46 8.14 7.68
CA VAL B 171 10.25 7.12 8.71
C VAL B 171 11.00 7.48 9.97
N LEU B 172 12.27 7.83 9.86
CA LEU B 172 13.11 8.21 11.03
C LEU B 172 12.65 9.48 11.69
N SER B 173 12.05 10.35 10.89
CA SER B 173 11.56 11.61 11.40
C SER B 173 10.38 11.37 12.36
N GLU B 174 9.58 10.34 12.08
CA GLU B 174 8.47 9.93 12.94
C GLU B 174 8.95 9.28 14.25
N PHE B 175 10.15 8.70 14.25
CA PHE B 175 10.75 8.18 15.48
C PHE B 175 11.54 9.26 16.23
N ASP B 176 11.62 10.47 15.68
CA ASP B 176 12.53 11.49 16.20
C ASP B 176 13.93 10.94 16.48
N LEU B 177 14.52 10.31 15.47
CA LEU B 177 15.81 9.64 15.66
C LEU B 177 16.70 9.97 14.49
N PRO B 178 17.95 10.41 14.74
CA PRO B 178 18.85 10.70 13.61
C PRO B 178 19.31 9.42 12.91
N ALA B 179 19.56 9.51 11.61
CA ALA B 179 19.99 8.36 10.79
C ALA B 179 21.25 7.66 11.29
N GLU B 180 22.12 8.41 11.98
CA GLU B 180 23.36 7.91 12.57
C GLU B 180 23.12 6.87 13.69
N ARG B 181 21.88 6.81 14.19
CA ARG B 181 21.48 5.85 15.23
C ARG B 181 20.55 4.76 14.73
N PHE B 182 20.60 4.51 13.42
CA PHE B 182 19.74 3.57 12.73
C PHE B 182 20.58 2.64 11.89
N VAL B 183 20.21 1.36 11.90
CA VAL B 183 20.80 0.30 11.08
C VAL B 183 19.65 -0.36 10.29
N ILE B 185 18.62 -3.57 7.86
CA ILE B 185 18.97 -4.91 7.42
C ILE B 185 18.17 -5.34 6.23
N GLY B 186 18.84 -5.78 5.17
CA GLY B 186 18.13 -6.19 3.99
C GLY B 186 18.95 -7.00 3.04
N ASN B 187 18.23 -7.52 2.04
CA ASN B 187 18.84 -8.28 1.01
C ASN B 187 19.14 -7.50 -0.27
N SER B 188 18.89 -6.21 -0.29
CA SER B 188 19.20 -5.38 -1.49
C SER B 188 20.13 -4.25 -1.17
N LEU B 189 21.30 -4.23 -1.81
CA LEU B 189 22.20 -3.08 -1.61
C LEU B 189 21.55 -1.81 -2.16
N ARG B 190 20.81 -1.93 -3.26
CA ARG B 190 20.23 -0.78 -3.94
C ARG B 190 19.10 -0.11 -3.13
N SER B 191 18.18 -0.92 -2.59
N SER B 191 18.20 -0.91 -2.58
CA SER B 191 16.96 -0.38 -1.97
CA SER B 191 16.98 -0.38 -1.94
C SER B 191 16.91 -0.50 -0.45
C SER B 191 17.07 -0.37 -0.42
N ASP B 192 17.75 -1.35 0.17
CA ASP B 192 17.80 -1.46 1.63
C ASP B 192 18.99 -0.72 2.22
N VAL B 193 20.17 -0.86 1.63
CA VAL B 193 21.39 -0.28 2.25
C VAL B 193 21.72 1.15 1.74
N GLU B 194 21.80 1.29 0.42
CA GLU B 194 22.29 2.50 -0.20
C GLU B 194 21.48 3.71 0.23
N PRO B 195 20.13 3.62 0.19
CA PRO B 195 19.40 4.84 0.55
C PRO B 195 19.62 5.24 1.98
N VAL B 196 19.78 4.24 2.85
CA VAL B 196 20.03 4.50 4.27
C VAL B 196 21.40 5.08 4.54
N LEU B 197 22.42 4.56 3.88
CA LEU B 197 23.73 5.17 3.93
C LEU B 197 23.66 6.64 3.46
N ALA B 198 22.85 6.85 2.42
CA ALA B 198 22.74 8.19 1.79
C ALA B 198 22.31 9.25 2.80
N ILE B 199 21.51 8.88 3.78
CA ILE B 199 21.07 9.83 4.81
C ILE B 199 21.89 9.78 6.10
N GLY B 200 23.00 9.03 6.10
CA GLY B 200 23.90 8.96 7.28
C GLY B 200 23.74 7.74 8.17
N GLY B 201 23.01 6.73 7.67
CA GLY B 201 22.78 5.48 8.44
C GLY B 201 23.85 4.40 8.21
N TRP B 202 23.53 3.21 8.73
CA TRP B 202 24.37 2.05 8.73
C TRP B 202 23.55 0.92 8.09
N GLY B 203 24.24 -0.06 7.51
CA GLY B 203 23.55 -1.18 6.86
C GLY B 203 24.13 -2.54 7.21
N ILE B 204 23.23 -3.52 7.19
CA ILE B 204 23.57 -4.90 7.15
C ILE B 204 22.94 -5.52 5.90
N TYR B 205 23.78 -6.19 5.13
CA TYR B 205 23.38 -6.75 3.87
C TYR B 205 23.43 -8.30 3.96
N THR B 206 22.30 -8.91 3.70
CA THR B 206 22.19 -10.37 3.67
C THR B 206 21.52 -10.81 2.37
N PRO B 207 22.36 -11.09 1.38
CA PRO B 207 21.89 -11.38 0.03
C PRO B 207 21.21 -12.77 -0.05
N TYR B 208 20.27 -12.90 -0.97
CA TYR B 208 19.37 -14.04 -0.96
C TYR B 208 19.35 -14.68 -2.33
N GLN B 216 19.37 -3.10 -11.48
CA GLN B 216 19.47 -2.55 -10.13
C GLN B 216 20.92 -2.21 -9.70
N ASP B 217 21.78 -1.69 -10.60
CA ASP B 217 23.13 -1.35 -10.15
C ASP B 217 22.89 -0.55 -8.86
N HIS B 218 23.78 -0.66 -7.90
CA HIS B 218 23.64 0.15 -6.69
C HIS B 218 24.89 1.03 -6.67
N GLY B 219 24.88 1.99 -5.77
CA GLY B 219 25.95 2.93 -5.62
C GLY B 219 26.78 2.75 -4.37
N VAL B 220 26.78 1.55 -3.76
CA VAL B 220 27.53 1.34 -2.53
C VAL B 220 29.00 1.11 -2.84
N ALA B 221 29.88 1.88 -2.18
CA ALA B 221 31.31 1.88 -2.41
C ALA B 221 31.92 0.56 -1.97
N ALA B 222 32.91 0.10 -2.72
CA ALA B 222 33.52 -1.21 -2.42
C ALA B 222 34.11 -1.27 -0.98
N ASP B 223 34.52 -0.12 -0.48
CA ASP B 223 35.16 -0.04 0.82
C ASP B 223 34.21 0.61 1.85
N GLU B 224 32.92 0.58 1.61
CA GLU B 224 31.97 1.20 2.57
C GLU B 224 32.17 0.70 4.02
N PRO B 225 32.65 1.57 4.92
CA PRO B 225 32.84 1.19 6.30
C PRO B 225 31.59 1.06 7.20
N ARG B 226 30.45 1.62 6.81
CA ARG B 226 29.26 1.62 7.64
C ARG B 226 28.30 0.48 7.29
N LEU B 227 28.87 -0.57 6.72
CA LEU B 227 28.14 -1.72 6.17
C LEU B 227 28.78 -2.97 6.72
N ARG B 228 27.98 -3.96 7.07
CA ARG B 228 28.44 -5.36 7.10
C ARG B 228 27.63 -6.26 6.19
N GLU B 229 28.30 -7.12 5.46
CA GLU B 229 27.63 -8.22 4.79
C GLU B 229 27.66 -9.42 5.76
N VAL B 230 26.47 -9.92 6.04
CA VAL B 230 26.26 -10.99 7.02
C VAL B 230 25.55 -12.08 6.23
N PRO B 231 26.15 -13.27 6.15
CA PRO B 231 25.59 -14.29 5.26
C PRO B 231 24.22 -14.87 5.63
N ASP B 232 23.88 -14.88 6.92
CA ASP B 232 22.59 -15.41 7.34
C ASP B 232 22.15 -14.72 8.60
N PRO B 233 20.85 -14.83 8.93
CA PRO B 233 20.35 -14.07 10.06
C PRO B 233 20.98 -14.33 11.40
N SER B 234 21.54 -15.52 11.64
CA SER B 234 22.17 -15.81 12.91
C SER B 234 23.31 -14.84 13.18
N GLY B 235 23.82 -14.20 12.13
CA GLY B 235 24.89 -13.18 12.32
C GLY B 235 24.40 -11.76 12.57
N TRP B 236 23.09 -11.49 12.42
CA TRP B 236 22.59 -10.15 12.55
C TRP B 236 22.82 -9.52 13.91
N PRO B 237 22.54 -10.25 15.01
CA PRO B 237 22.79 -9.60 16.31
C PRO B 237 24.23 -9.13 16.57
N ALA B 238 25.21 -9.98 16.25
CA ALA B 238 26.60 -9.65 16.39
C ALA B 238 26.95 -8.46 15.50
N ALA B 239 26.36 -8.42 14.30
CA ALA B 239 26.64 -7.33 13.35
C ALA B 239 26.06 -6.00 13.83
N VAL B 240 24.86 -6.03 14.41
CA VAL B 240 24.26 -4.81 14.98
C VAL B 240 25.15 -4.27 16.08
N ARG B 241 25.65 -5.17 16.92
CA ARG B 241 26.53 -4.78 18.03
C ARG B 241 27.88 -4.27 17.54
N ALA B 242 28.41 -4.88 16.50
CA ALA B 242 29.61 -4.41 15.85
C ALA B 242 29.45 -2.98 15.30
N LEU B 243 28.34 -2.74 14.59
CA LEU B 243 28.05 -1.41 14.04
C LEU B 243 27.79 -0.42 15.15
N ASP B 244 27.20 -0.89 16.25
CA ASP B 244 26.94 -0.06 17.41
C ASP B 244 28.23 0.37 18.09
N ALA B 245 29.15 -0.55 18.28
CA ALA B 245 30.47 -0.18 18.79
C ALA B 245 31.20 0.79 17.83
N GLN B 246 31.16 0.54 16.53
CA GLN B 246 31.77 1.48 15.58
C GLN B 246 31.20 2.92 15.62
N ALA B 247 29.88 3.02 15.74
CA ALA B 247 29.18 4.29 15.84
C ALA B 247 29.59 4.99 17.15
N GLY B 248 29.74 4.21 18.22
CA GLY B 248 30.28 4.72 19.49
C GLY B 248 31.68 5.29 19.41
N ARG B 249 32.59 4.61 18.71
CA ARG B 249 33.97 5.11 18.48
C ARG B 249 33.97 6.32 17.53
N GLN B 250 33.26 6.18 16.41
CA GLN B 250 33.10 7.26 15.39
C GLN B 250 32.20 8.37 15.93
#